data_5BPM
#
_entry.id   5BPM
#
_cell.length_a   46.466
_cell.length_b   64.278
_cell.length_c   144.860
_cell.angle_alpha   90.00
_cell.angle_beta   90.00
_cell.angle_gamma   90.00
#
_symmetry.space_group_name_H-M   'P 21 21 21'
#
loop_
_entity.id
_entity.type
_entity.pdbx_description
1 polymer 'Heat shock 70 kDa protein 1A'
2 non-polymer "ADENOSINE-5'-TRIPHOSPHATE"
3 non-polymer 'CHLORIDE ION'
4 non-polymer 'MAGNESIUM ION'
5 non-polymer 'SODIUM ION'
6 water water
#
_entity_poly.entity_id   1
_entity_poly.type   'polypeptide(L)'
_entity_poly.pdbx_seq_one_letter_code
;MAKAAAIGIDLGTTYSCVGVFQHGKVEIIANDQGNRTTPSYVAFTDTERLIGDAAKNQVALNPQNTVFDAKRLIGRKFGD
PVVQSDMKHWPFQVINDGDKPKVQVSYKGETKAFYPEEISSMVLTKMKEIAEAYLGYPVTNAVITVPAYFNDSQRQATKD
AGVIAGLNVLRIINEPTAAAIAYGLDRTGKGERNVLIFDLGGGTFDVSILTIDDGIFEVKATAGDTHLGGEDFDNRLVNH
FVEEFKRKHKKDISQNKRAVRRLRTACQRAKKTLSSSTQASLEIDSLFEGIDFYTSITRARFEELCSDLFRSTLEPVEKA
LRDAKLDKAQIHDLVLVGGSTRIPKVQKLLQDFFNGRDLNKSINPDEAVAYGAAVQAAILMGDKSENV
;
_entity_poly.pdbx_strand_id   A
#
# COMPACT_ATOMS: atom_id res chain seq x y z
N ALA A 4 -6.04 20.46 20.08
CA ALA A 4 -6.41 19.34 19.19
C ALA A 4 -5.20 18.75 18.47
N ALA A 5 -5.10 17.43 18.48
CA ALA A 5 -4.00 16.77 17.83
C ALA A 5 -4.17 16.79 16.32
N ALA A 6 -3.04 16.80 15.62
CA ALA A 6 -2.98 16.59 14.19
C ALA A 6 -2.75 15.10 13.90
N ILE A 7 -3.14 14.66 12.69
CA ILE A 7 -2.97 13.24 12.34
C ILE A 7 -1.91 13.03 11.26
N GLY A 8 -1.36 11.82 11.23
CA GLY A 8 -0.49 11.36 10.15
C GLY A 8 -1.18 10.33 9.30
N ILE A 9 -1.15 10.49 7.98
CA ILE A 9 -1.84 9.60 7.07
C ILE A 9 -0.90 9.09 5.99
N ASP A 10 -0.82 7.76 5.92
CA ASP A 10 -0.19 7.05 4.81
C ASP A 10 -1.29 6.75 3.82
N LEU A 11 -1.25 7.45 2.69
CA LEU A 11 -2.18 7.27 1.61
C LEU A 11 -1.57 6.29 0.58
N GLY A 12 -1.86 5.02 0.76
CA GLY A 12 -1.18 3.98 0.00
C GLY A 12 -1.81 3.71 -1.35
N THR A 13 -1.09 3.04 -2.25
CA THR A 13 -1.74 2.63 -3.52
C THR A 13 -2.88 1.69 -3.23
N THR A 14 -2.64 0.74 -2.32
CA THR A 14 -3.65 -0.28 -2.03
C THR A 14 -4.28 -0.20 -0.62
N TYR A 15 -3.50 0.21 0.39
CA TYR A 15 -4.00 0.36 1.76
C TYR A 15 -3.51 1.66 2.38
N SER A 16 -4.41 2.33 3.13
CA SER A 16 -4.06 3.57 3.81
C SER A 16 -4.14 3.35 5.34
N CYS A 17 -3.42 4.20 6.09
CA CYS A 17 -3.26 4.02 7.53
C CYS A 17 -3.20 5.40 8.19
N VAL A 18 -3.83 5.52 9.35
CA VAL A 18 -3.84 6.77 10.08
C VAL A 18 -3.43 6.58 11.55
N GLY A 19 -2.58 7.48 12.02
CA GLY A 19 -2.14 7.49 13.41
C GLY A 19 -2.19 8.88 14.00
N VAL A 20 -2.05 8.94 15.33
CA VAL A 20 -2.02 10.20 16.03
C VAL A 20 -1.09 10.07 17.22
N PHE A 21 -0.34 11.14 17.49
CA PHE A 21 0.53 11.16 18.66
C PHE A 21 -0.18 11.93 19.77
N GLN A 22 -0.40 11.27 20.90
CA GLN A 22 -0.91 11.93 22.10
C GLN A 22 -0.52 11.10 23.34
N HIS A 23 -0.49 11.75 24.50
CA HIS A 23 -0.01 11.14 25.74
C HIS A 23 1.30 10.40 25.57
N GLY A 24 2.24 11.03 24.88
CA GLY A 24 3.60 10.52 24.78
C GLY A 24 3.83 9.37 23.81
N LYS A 25 2.80 9.00 23.07
CA LYS A 25 2.88 7.80 22.23
C LYS A 25 1.94 7.84 21.04
N VAL A 26 2.32 7.10 20.00
CA VAL A 26 1.52 6.99 18.78
C VAL A 26 0.46 5.94 18.94
N GLU A 27 -0.76 6.32 18.56
CA GLU A 27 -1.85 5.38 18.41
C GLU A 27 -2.17 5.21 16.90
N ILE A 28 -1.96 4.00 16.39
CA ILE A 28 -2.44 3.61 15.06
C ILE A 28 -3.92 3.24 15.25
N ILE A 29 -4.78 3.89 14.50
CA ILE A 29 -6.21 3.90 14.79
C ILE A 29 -6.98 2.88 13.95
N ALA A 30 -7.66 1.94 14.59
CA ALA A 30 -8.36 0.90 13.86
C ALA A 30 -9.71 1.44 13.35
N ASN A 31 -10.17 0.93 12.20
CA ASN A 31 -11.41 1.45 11.59
C ASN A 31 -12.65 0.76 12.15
N ASP A 32 -13.80 1.00 11.55
CA ASP A 32 -15.07 0.56 12.16
C ASP A 32 -15.15 -0.97 12.17
N GLN A 33 -14.40 -1.63 11.29
CA GLN A 33 -14.35 -3.09 11.25
C GLN A 33 -13.20 -3.71 12.05
N GLY A 34 -12.43 -2.88 12.75
CA GLY A 34 -11.31 -3.34 13.55
C GLY A 34 -9.98 -3.47 12.80
N ASN A 35 -9.94 -3.02 11.54
CA ASN A 35 -8.73 -3.15 10.72
C ASN A 35 -7.83 -1.90 10.84
N ARG A 36 -6.55 -2.13 11.12
CA ARG A 36 -5.60 -1.06 11.38
C ARG A 36 -5.08 -0.40 10.08
N THR A 37 -5.40 -1.00 8.94
CA THR A 37 -5.24 -0.30 7.65
C THR A 37 -6.53 -0.51 6.84
N THR A 38 -6.77 0.38 5.87
CA THR A 38 -8.01 0.46 5.10
C THR A 38 -7.74 0.48 3.58
N PRO A 39 -8.47 -0.31 2.78
CA PRO A 39 -8.26 -0.32 1.32
C PRO A 39 -8.51 1.04 0.68
N SER A 40 -7.63 1.45 -0.24
CA SER A 40 -7.80 2.73 -0.93
C SER A 40 -8.79 2.55 -2.11
N TYR A 41 -10.01 2.16 -1.74
CA TYR A 41 -11.12 1.79 -2.66
C TYR A 41 -12.31 2.77 -2.54
N VAL A 42 -12.91 3.16 -3.65
CA VAL A 42 -14.17 3.94 -3.65
C VAL A 42 -15.12 3.32 -4.68
N ALA A 43 -16.35 3.02 -4.24
CA ALA A 43 -17.36 2.44 -5.13
C ALA A 43 -18.63 3.30 -5.22
N PHE A 44 -19.23 3.30 -6.40
CA PHE A 44 -20.48 4.03 -6.69
C PHE A 44 -21.55 3.04 -7.13
N THR A 45 -22.70 3.09 -6.49
CA THR A 45 -23.84 2.20 -6.84
C THR A 45 -25.03 3.04 -7.24
N ASP A 46 -26.16 2.38 -7.48
CA ASP A 46 -27.40 3.08 -7.77
C ASP A 46 -27.90 3.93 -6.59
N THR A 47 -27.43 3.65 -5.37
CA THR A 47 -27.94 4.34 -4.18
C THR A 47 -26.90 5.01 -3.29
N GLU A 48 -25.66 4.53 -3.30
CA GLU A 48 -24.67 5.02 -2.35
C GLU A 48 -23.23 5.02 -2.89
N ARG A 49 -22.40 5.80 -2.20
CA ARG A 49 -20.96 5.82 -2.37
C ARG A 49 -20.35 5.08 -1.19
N LEU A 50 -19.50 4.09 -1.47
CA LEU A 50 -18.86 3.28 -0.43
C LEU A 50 -17.36 3.54 -0.47
N ILE A 51 -16.73 3.60 0.70
CA ILE A 51 -15.28 3.83 0.79
C ILE A 51 -14.61 2.79 1.70
N GLY A 52 -13.38 2.38 1.38
CA GLY A 52 -12.64 1.47 2.23
C GLY A 52 -13.11 0.02 2.17
N ASP A 53 -13.19 -0.61 3.35
CA ASP A 53 -13.60 -2.00 3.49
C ASP A 53 -14.94 -2.25 2.78
N ALA A 54 -15.91 -1.36 2.97
CA ALA A 54 -17.24 -1.52 2.33
C ALA A 54 -17.14 -1.55 0.79
N ALA A 55 -16.21 -0.78 0.25
CA ALA A 55 -16.04 -0.73 -1.21
C ALA A 55 -15.35 -2.02 -1.70
N LYS A 56 -14.25 -2.39 -1.05
CA LYS A 56 -13.54 -3.60 -1.46
C LYS A 56 -14.40 -4.87 -1.26
N ASN A 57 -15.16 -4.93 -0.16
CA ASN A 57 -15.84 -6.17 0.25
C ASN A 57 -17.22 -6.33 -0.36
N GLN A 58 -17.52 -5.62 -1.43
CA GLN A 58 -18.88 -5.70 -1.97
C GLN A 58 -19.28 -7.16 -2.30
N VAL A 59 -20.45 -7.58 -1.82
CA VAL A 59 -20.94 -8.94 -2.07
C VAL A 59 -21.38 -9.05 -3.56
N ALA A 60 -21.88 -7.94 -4.10
CA ALA A 60 -22.27 -7.79 -5.51
C ALA A 60 -21.40 -6.75 -6.20
N LEU A 61 -20.09 -6.86 -6.04
CA LEU A 61 -19.16 -5.85 -6.57
C LEU A 61 -19.37 -5.71 -8.08
N ASN A 62 -19.41 -4.44 -8.49
CA ASN A 62 -19.53 -3.99 -9.85
C ASN A 62 -18.15 -3.47 -10.27
N PRO A 63 -17.43 -4.24 -11.10
CA PRO A 63 -16.05 -3.89 -11.48
C PRO A 63 -15.93 -2.54 -12.18
N GLN A 64 -16.94 -2.16 -12.98
CA GLN A 64 -16.85 -0.91 -13.72
C GLN A 64 -16.98 0.31 -12.81
N ASN A 65 -17.58 0.15 -11.63
CA ASN A 65 -17.88 1.33 -10.80
C ASN A 65 -17.17 1.32 -9.45
N THR A 66 -16.20 0.41 -9.28
CA THR A 66 -15.38 0.33 -8.06
C THR A 66 -13.95 0.79 -8.40
N VAL A 67 -13.55 1.96 -7.90
CA VAL A 67 -12.29 2.59 -8.28
C VAL A 67 -11.23 2.27 -7.25
N PHE A 68 -10.02 2.06 -7.74
CA PHE A 68 -8.86 1.76 -6.91
C PHE A 68 -7.63 2.25 -7.72
N ASP A 69 -6.42 2.15 -7.16
CA ASP A 69 -5.20 2.56 -7.86
C ASP A 69 -5.14 4.07 -8.29
N ALA A 70 -5.93 4.96 -7.67
CA ALA A 70 -5.90 6.40 -8.01
C ALA A 70 -4.51 7.00 -7.82
N LYS A 71 -3.71 6.43 -6.93
CA LYS A 71 -2.37 6.95 -6.69
C LYS A 71 -1.47 6.84 -7.95
N ARG A 72 -1.77 5.90 -8.83
CA ARG A 72 -1.06 5.71 -10.09
C ARG A 72 -1.37 6.87 -11.08
N LEU A 73 -2.53 7.52 -10.91
CA LEU A 73 -2.97 8.61 -11.79
C LEU A 73 -2.60 9.99 -11.24
N ILE A 74 -2.52 10.12 -9.91
CA ILE A 74 -2.59 11.42 -9.27
C ILE A 74 -1.39 12.30 -9.69
N GLY A 75 -1.71 13.55 -10.06
CA GLY A 75 -0.75 14.50 -10.57
C GLY A 75 -0.13 14.26 -11.93
N ARG A 76 -0.65 13.29 -12.68
CA ARG A 76 -0.16 13.01 -14.02
C ARG A 76 -1.07 13.56 -15.13
N LYS A 77 -0.46 13.81 -16.28
CA LYS A 77 -1.19 14.17 -17.50
C LYS A 77 -1.82 12.93 -18.13
N PHE A 78 -2.94 13.13 -18.83
CA PHE A 78 -3.59 12.03 -19.52
C PHE A 78 -2.67 11.35 -20.53
N GLY A 79 -1.84 12.14 -21.22
CA GLY A 79 -0.94 11.62 -22.25
C GLY A 79 0.34 11.01 -21.68
N ASP A 80 0.47 11.00 -20.35
CA ASP A 80 1.60 10.36 -19.68
C ASP A 80 1.60 8.84 -20.03
N PRO A 81 2.75 8.33 -20.51
CA PRO A 81 2.74 6.91 -20.92
C PRO A 81 2.47 5.94 -19.77
N VAL A 82 2.70 6.38 -18.53
CA VAL A 82 2.40 5.56 -17.38
C VAL A 82 0.88 5.34 -17.28
N VAL A 83 0.14 6.43 -17.46
CA VAL A 83 -1.31 6.44 -17.46
C VAL A 83 -1.85 5.59 -18.60
N GLN A 84 -1.31 5.78 -19.79
CA GLN A 84 -1.80 5.07 -20.98
C GLN A 84 -1.60 3.54 -20.84
N SER A 85 -0.51 3.16 -20.19
CA SER A 85 -0.18 1.75 -19.94
C SER A 85 -1.07 1.15 -18.84
N ASP A 86 -1.19 1.89 -17.74
CA ASP A 86 -1.98 1.44 -16.61
C ASP A 86 -3.47 1.28 -16.99
N MET A 87 -3.98 2.16 -17.84
CA MET A 87 -5.39 2.12 -18.27
C MET A 87 -5.80 0.78 -18.89
N LYS A 88 -4.85 0.10 -19.51
CA LYS A 88 -5.14 -1.13 -20.24
C LYS A 88 -5.57 -2.30 -19.34
N HIS A 89 -5.28 -2.22 -18.05
CA HIS A 89 -5.51 -3.32 -17.12
C HIS A 89 -6.50 -2.97 -15.99
N TRP A 90 -7.14 -1.81 -16.10
CA TRP A 90 -8.19 -1.44 -15.17
C TRP A 90 -9.59 -1.71 -15.78
N PRO A 91 -10.53 -2.16 -14.94
CA PRO A 91 -11.91 -2.41 -15.38
C PRO A 91 -12.77 -1.17 -15.39
N PHE A 92 -12.28 -0.09 -14.80
CA PHE A 92 -13.02 1.19 -14.84
C PHE A 92 -12.45 2.09 -15.96
N GLN A 93 -13.29 2.99 -16.44
CA GLN A 93 -13.00 3.89 -17.55
C GLN A 93 -12.21 5.12 -17.11
N VAL A 94 -11.18 5.49 -17.87
CA VAL A 94 -10.47 6.76 -17.68
C VAL A 94 -10.64 7.62 -18.92
N ILE A 95 -11.01 8.89 -18.73
CA ILE A 95 -11.24 9.78 -19.83
C ILE A 95 -10.31 10.97 -19.76
N ASN A 96 -10.27 11.72 -20.84
CA ASN A 96 -9.41 12.90 -20.97
C ASN A 96 -10.17 14.24 -20.85
N ASP A 97 -9.87 15.05 -19.83
CA ASP A 97 -10.43 16.39 -19.68
C ASP A 97 -9.31 17.46 -19.69
N GLY A 98 -8.98 17.95 -20.89
CA GLY A 98 -7.91 18.93 -21.05
C GLY A 98 -6.55 18.42 -20.63
N ASP A 99 -6.22 17.22 -21.13
CA ASP A 99 -5.00 16.49 -20.79
C ASP A 99 -4.83 16.19 -19.30
N LYS A 100 -5.91 16.22 -18.54
CA LYS A 100 -5.95 15.61 -17.21
C LYS A 100 -6.85 14.37 -17.21
N PRO A 101 -6.41 13.28 -16.54
CA PRO A 101 -7.26 12.07 -16.49
C PRO A 101 -8.40 12.24 -15.50
N LYS A 102 -9.56 11.69 -15.81
CA LYS A 102 -10.67 11.54 -14.87
C LYS A 102 -11.18 10.11 -14.93
N VAL A 103 -11.56 9.58 -13.78
CA VAL A 103 -12.19 8.28 -13.69
C VAL A 103 -13.71 8.48 -13.86
N GLN A 104 -14.32 7.69 -14.75
CA GLN A 104 -15.74 7.84 -15.09
C GLN A 104 -16.52 6.62 -14.65
N VAL A 105 -17.66 6.86 -13.97
CA VAL A 105 -18.45 5.81 -13.37
C VAL A 105 -19.95 6.13 -13.54
N SER A 106 -20.79 5.17 -13.16
CA SER A 106 -22.21 5.42 -13.01
C SER A 106 -22.53 5.56 -11.51
N TYR A 107 -23.27 6.61 -11.15
CA TYR A 107 -23.68 6.83 -9.77
C TYR A 107 -25.12 7.31 -9.75
N LYS A 108 -25.95 6.63 -8.95
CA LYS A 108 -27.38 6.91 -8.90
C LYS A 108 -27.99 7.02 -10.29
N GLY A 109 -27.49 6.24 -11.24
CA GLY A 109 -28.10 6.17 -12.56
C GLY A 109 -27.51 7.04 -13.65
N GLU A 110 -26.63 7.95 -13.26
CA GLU A 110 -26.07 8.92 -14.21
C GLU A 110 -24.56 8.79 -14.29
N THR A 111 -24.01 9.06 -15.47
CA THR A 111 -22.57 9.02 -15.67
C THR A 111 -21.89 10.27 -15.11
N LYS A 112 -20.85 10.05 -14.32
CA LYS A 112 -20.12 11.09 -13.61
C LYS A 112 -18.63 10.81 -13.77
N ALA A 113 -17.81 11.85 -13.72
CA ALA A 113 -16.35 11.65 -13.67
C ALA A 113 -15.69 12.45 -12.54
N PHE A 114 -14.56 11.92 -12.07
CA PHE A 114 -13.84 12.48 -10.92
C PHE A 114 -12.33 12.56 -11.20
N TYR A 115 -11.72 13.67 -10.80
CA TYR A 115 -10.27 13.76 -10.86
C TYR A 115 -9.67 12.78 -9.83
N PRO A 116 -8.43 12.32 -10.09
CA PRO A 116 -7.77 11.45 -9.10
C PRO A 116 -7.72 12.04 -7.69
N GLU A 117 -7.45 13.34 -7.57
CA GLU A 117 -7.32 13.94 -6.25
C GLU A 117 -8.71 13.97 -5.60
N GLU A 118 -9.78 13.98 -6.40
CA GLU A 118 -11.14 13.81 -5.83
C GLU A 118 -11.36 12.38 -5.25
N ILE A 119 -11.00 11.33 -5.99
CA ILE A 119 -11.09 9.97 -5.46
C ILE A 119 -10.22 9.83 -4.21
N SER A 120 -8.98 10.31 -4.29
CA SER A 120 -8.10 10.19 -3.10
C SER A 120 -8.62 11.02 -1.91
N SER A 121 -9.35 12.11 -2.16
CA SER A 121 -9.91 12.92 -1.05
C SER A 121 -10.97 12.11 -0.32
N MET A 122 -11.67 11.25 -1.04
CA MET A 122 -12.70 10.41 -0.42
C MET A 122 -12.03 9.40 0.51
N VAL A 123 -10.91 8.84 0.07
CA VAL A 123 -10.14 7.91 0.94
C VAL A 123 -9.61 8.69 2.17
N LEU A 124 -9.09 9.89 1.97
CA LEU A 124 -8.59 10.70 3.08
C LEU A 124 -9.70 11.12 4.05
N THR A 125 -10.88 11.45 3.52
CA THR A 125 -12.04 11.71 4.38
C THR A 125 -12.38 10.47 5.27
N LYS A 126 -12.37 9.27 4.70
CA LYS A 126 -12.54 8.06 5.50
C LYS A 126 -11.50 7.98 6.61
N MET A 127 -10.23 8.20 6.28
CA MET A 127 -9.16 8.15 7.29
C MET A 127 -9.35 9.24 8.38
N LYS A 128 -9.73 10.45 7.95
CA LYS A 128 -10.04 11.53 8.87
C LYS A 128 -11.17 11.14 9.83
N GLU A 129 -12.23 10.56 9.30
CA GLU A 129 -13.38 10.15 10.10
C GLU A 129 -13.02 9.04 11.08
N ILE A 130 -12.15 8.13 10.67
CA ILE A 130 -11.70 7.00 11.51
C ILE A 130 -11.02 7.62 12.73
N ALA A 131 -10.18 8.63 12.47
CA ALA A 131 -9.47 9.34 13.55
C ALA A 131 -10.43 10.12 14.47
N GLU A 132 -11.46 10.73 13.88
CA GLU A 132 -12.34 11.60 14.63
C GLU A 132 -13.19 10.77 15.58
N ALA A 133 -13.60 9.58 15.15
CA ALA A 133 -14.34 8.66 16.01
C ALA A 133 -13.54 8.28 17.27
N TYR A 134 -12.29 7.94 17.05
CA TYR A 134 -11.37 7.58 18.12
C TYR A 134 -11.08 8.77 19.04
N LEU A 135 -10.84 9.94 18.48
CA LEU A 135 -10.46 11.12 19.30
C LEU A 135 -11.65 11.78 19.96
N GLY A 136 -12.82 11.65 19.33
CA GLY A 136 -14.02 12.30 19.80
C GLY A 136 -14.11 13.80 19.53
N TYR A 137 -13.27 14.31 18.65
CA TYR A 137 -13.39 15.71 18.20
C TYR A 137 -12.96 15.84 16.74
N PRO A 138 -13.25 16.99 16.11
CA PRO A 138 -12.83 17.22 14.73
C PRO A 138 -11.34 17.41 14.58
N VAL A 139 -10.85 16.86 13.49
CA VAL A 139 -9.45 16.98 13.08
C VAL A 139 -9.35 17.95 11.93
N THR A 140 -8.43 18.92 12.03
CA THR A 140 -8.27 19.90 10.97
C THR A 140 -6.83 20.02 10.40
N ASN A 141 -5.84 19.41 11.06
CA ASN A 141 -4.46 19.44 10.56
C ASN A 141 -3.90 18.02 10.31
N ALA A 142 -3.09 17.83 9.27
CA ALA A 142 -2.49 16.51 9.00
C ALA A 142 -1.14 16.60 8.32
N VAL A 143 -0.34 15.55 8.50
CA VAL A 143 0.81 15.31 7.63
C VAL A 143 0.40 14.15 6.76
N ILE A 144 0.69 14.26 5.45
CA ILE A 144 0.41 13.21 4.49
C ILE A 144 1.71 12.86 3.80
N THR A 145 1.90 11.56 3.55
CA THR A 145 3.13 11.08 2.96
C THR A 145 2.97 10.76 1.47
N VAL A 146 4.08 10.77 0.76
CA VAL A 146 4.18 10.38 -0.65
C VAL A 146 5.50 9.61 -0.91
N PRO A 147 5.55 8.87 -2.02
CA PRO A 147 6.85 8.28 -2.39
C PRO A 147 7.94 9.31 -2.73
N ALA A 148 9.19 8.94 -2.48
CA ALA A 148 10.32 9.84 -2.73
C ALA A 148 10.41 10.27 -4.20
N TYR A 149 9.93 9.43 -5.10
CA TYR A 149 10.03 9.67 -6.55
C TYR A 149 8.91 10.60 -7.03
N PHE A 150 7.95 10.92 -6.17
CA PHE A 150 6.89 11.87 -6.58
C PHE A 150 7.50 13.23 -6.97
N ASN A 151 6.99 13.79 -8.07
CA ASN A 151 7.36 15.14 -8.52
C ASN A 151 6.44 16.24 -7.97
N ASP A 152 6.72 17.49 -8.34
CA ASP A 152 5.97 18.65 -7.82
C ASP A 152 4.46 18.54 -8.10
N SER A 153 4.12 18.08 -9.30
N SER A 153 4.10 18.07 -9.29
CA SER A 153 2.71 17.92 -9.70
CA SER A 153 2.68 17.95 -9.68
C SER A 153 1.98 16.87 -8.86
C SER A 153 1.95 16.86 -8.89
N GLN A 154 2.62 15.72 -8.70
CA GLN A 154 2.09 14.64 -7.87
C GLN A 154 1.98 15.06 -6.40
N ARG A 155 2.98 15.77 -5.87
CA ARG A 155 2.91 16.26 -4.48
C ARG A 155 1.76 17.27 -4.33
N GLN A 156 1.64 18.17 -5.30
CA GLN A 156 0.54 19.15 -5.30
C GLN A 156 -0.85 18.51 -5.31
N ALA A 157 -1.03 17.52 -6.17
CA ALA A 157 -2.34 16.87 -6.28
C ALA A 157 -2.68 16.10 -5.01
N THR A 158 -1.65 15.54 -4.38
CA THR A 158 -1.85 14.87 -3.10
C THR A 158 -2.27 15.89 -2.03
N LYS A 159 -1.60 17.03 -2.01
CA LYS A 159 -1.93 18.06 -1.03
C LYS A 159 -3.35 18.54 -1.25
N ASP A 160 -3.70 18.72 -2.53
CA ASP A 160 -5.07 19.13 -2.92
C ASP A 160 -6.11 18.11 -2.45
N ALA A 161 -5.81 16.80 -2.53
CA ALA A 161 -6.75 15.77 -2.00
C ALA A 161 -7.01 16.05 -0.52
N GLY A 162 -5.94 16.38 0.22
CA GLY A 162 -6.08 16.75 1.63
C GLY A 162 -6.96 17.97 1.86
N VAL A 163 -6.75 19.03 1.08
CA VAL A 163 -7.56 20.24 1.22
C VAL A 163 -9.03 19.96 0.94
N ILE A 164 -9.29 19.17 -0.09
CA ILE A 164 -10.66 18.79 -0.50
C ILE A 164 -11.36 18.03 0.63
N ALA A 165 -10.58 17.27 1.41
CA ALA A 165 -11.08 16.48 2.51
C ALA A 165 -11.19 17.29 3.80
N GLY A 166 -10.89 18.57 3.70
CA GLY A 166 -11.09 19.49 4.80
C GLY A 166 -9.92 19.56 5.76
N LEU A 167 -8.74 19.16 5.28
CA LEU A 167 -7.53 19.14 6.08
C LEU A 167 -6.57 20.24 5.69
N ASN A 168 -6.02 20.92 6.68
CA ASN A 168 -4.86 21.74 6.45
C ASN A 168 -3.65 20.84 6.47
N VAL A 169 -2.96 20.77 5.33
CA VAL A 169 -1.80 19.90 5.22
C VAL A 169 -0.56 20.63 5.73
N LEU A 170 -0.15 20.27 6.95
CA LEU A 170 1.02 20.86 7.57
C LEU A 170 2.27 20.66 6.70
N ARG A 171 2.40 19.47 6.15
CA ARG A 171 3.54 19.14 5.30
C ARG A 171 3.31 17.86 4.51
N ILE A 172 3.87 17.78 3.29
CA ILE A 172 4.00 16.52 2.54
C ILE A 172 5.42 16.01 2.77
N ILE A 173 5.55 14.81 3.35
CA ILE A 173 6.89 14.23 3.54
C ILE A 173 7.02 12.87 2.86
N ASN A 174 8.27 12.52 2.51
CA ASN A 174 8.57 11.28 1.81
C ASN A 174 8.25 10.08 2.71
N GLU A 175 7.66 9.03 2.13
CA GLU A 175 7.36 7.78 2.86
C GLU A 175 8.59 7.17 3.59
N PRO A 176 9.74 7.04 2.92
CA PRO A 176 10.88 6.43 3.64
C PRO A 176 11.35 7.29 4.82
N THR A 177 11.22 8.61 4.71
CA THR A 177 11.67 9.52 5.79
C THR A 177 10.76 9.34 7.01
N ALA A 178 9.46 9.21 6.75
CA ALA A 178 8.48 8.93 7.78
C ALA A 178 8.77 7.61 8.50
N ALA A 179 9.19 6.57 7.77
CA ALA A 179 9.45 5.27 8.41
C ALA A 179 10.69 5.38 9.34
N ALA A 180 11.66 6.17 8.90
CA ALA A 180 12.86 6.42 9.68
C ALA A 180 12.51 7.23 10.95
N ILE A 181 11.59 8.18 10.84
CA ILE A 181 11.14 8.93 12.00
C ILE A 181 10.43 8.05 13.04
N ALA A 182 9.62 7.09 12.57
CA ALA A 182 8.92 6.14 13.44
C ALA A 182 9.87 5.42 14.42
N TYR A 183 11.06 5.08 13.92
CA TYR A 183 12.10 4.40 14.70
C TYR A 183 13.09 5.36 15.40
N GLY A 184 12.77 6.66 15.38
CA GLY A 184 13.57 7.63 16.13
C GLY A 184 14.97 7.86 15.58
N LEU A 185 15.13 7.58 14.29
CA LEU A 185 16.44 7.69 13.66
C LEU A 185 16.79 9.14 13.31
N ASP A 186 15.80 10.04 13.32
CA ASP A 186 16.05 11.48 13.11
C ASP A 186 16.68 12.14 14.34
N ARG A 187 16.79 11.40 15.44
CA ARG A 187 17.19 12.01 16.72
C ARG A 187 18.68 11.93 16.97
N THR A 188 19.41 11.36 16.02
CA THR A 188 20.85 11.23 16.12
C THR A 188 21.53 12.61 16.08
N GLY A 189 22.65 12.74 16.79
CA GLY A 189 23.40 13.99 16.76
C GLY A 189 24.17 14.19 15.47
N LYS A 190 25.28 14.90 15.58
CA LYS A 190 26.15 15.18 14.43
C LYS A 190 26.91 13.92 14.04
N GLY A 191 27.03 13.66 12.74
CA GLY A 191 27.66 12.45 12.25
C GLY A 191 26.71 11.67 11.38
N GLU A 192 27.20 11.18 10.26
CA GLU A 192 26.37 10.54 9.25
C GLU A 192 26.00 9.10 9.59
N ARG A 193 24.70 8.82 9.53
N ARG A 193 24.71 8.78 9.45
CA ARG A 193 24.20 7.44 9.57
CA ARG A 193 24.27 7.41 9.55
C ARG A 193 23.57 7.17 8.22
C ARG A 193 23.41 7.06 8.35
N ASN A 194 23.75 5.94 7.72
CA ASN A 194 23.13 5.50 6.48
C ASN A 194 22.03 4.51 6.82
N VAL A 195 20.83 4.78 6.30
CA VAL A 195 19.65 3.98 6.59
C VAL A 195 19.07 3.44 5.29
N LEU A 196 18.75 2.15 5.26
CA LEU A 196 18.09 1.55 4.10
C LEU A 196 16.65 1.19 4.49
N ILE A 197 15.71 1.76 3.74
CA ILE A 197 14.31 1.46 3.83
C ILE A 197 13.96 0.45 2.71
N PHE A 198 13.46 -0.73 3.12
CA PHE A 198 13.03 -1.81 2.20
C PHE A 198 11.49 -1.93 2.32
N ASP A 199 10.79 -1.48 1.26
CA ASP A 199 9.34 -1.28 1.32
C ASP A 199 8.65 -2.07 0.21
N LEU A 200 7.94 -3.12 0.59
CA LEU A 200 7.18 -3.98 -0.31
C LEU A 200 5.70 -3.98 0.12
N GLY A 201 4.87 -3.20 -0.57
CA GLY A 201 3.46 -3.09 -0.21
C GLY A 201 2.55 -4.00 -1.03
N GLY A 202 1.40 -3.46 -1.41
CA GLY A 202 0.42 -4.16 -2.21
C GLY A 202 0.74 -4.10 -3.69
N GLY A 203 1.08 -2.90 -4.17
CA GLY A 203 1.36 -2.66 -5.58
C GLY A 203 2.79 -2.35 -5.97
N THR A 204 3.58 -1.85 -5.03
CA THR A 204 4.90 -1.32 -5.35
C THR A 204 6.01 -1.72 -4.38
N PHE A 205 7.22 -1.68 -4.92
CA PHE A 205 8.48 -2.00 -4.22
C PHE A 205 9.45 -0.80 -4.32
N ASP A 206 9.80 -0.22 -3.16
CA ASP A 206 10.67 0.96 -3.05
C ASP A 206 11.83 0.65 -2.12
N VAL A 207 13.05 0.77 -2.63
CA VAL A 207 14.30 0.71 -1.86
C VAL A 207 14.77 2.16 -1.76
N SER A 208 15.00 2.67 -0.55
CA SER A 208 15.56 4.02 -0.40
C SER A 208 16.77 3.99 0.54
N ILE A 209 17.83 4.69 0.16
CA ILE A 209 18.97 4.91 1.06
C ILE A 209 19.02 6.37 1.47
N LEU A 210 18.90 6.58 2.78
CA LEU A 210 18.92 7.90 3.38
C LEU A 210 20.18 8.09 4.18
N THR A 211 20.76 9.27 4.10
CA THR A 211 21.77 9.68 5.06
C THR A 211 21.11 10.66 6.03
N ILE A 212 21.34 10.43 7.33
CA ILE A 212 20.80 11.31 8.36
C ILE A 212 21.95 11.87 9.15
N ASP A 213 21.94 13.20 9.29
CA ASP A 213 23.00 13.91 9.99
C ASP A 213 22.41 15.00 10.86
N ASP A 214 22.47 14.80 12.18
CA ASP A 214 21.95 15.78 13.13
C ASP A 214 20.53 16.19 12.72
N GLY A 215 19.67 15.20 12.48
CA GLY A 215 18.27 15.46 12.18
C GLY A 215 17.90 15.88 10.76
N ILE A 216 18.90 16.02 9.88
CA ILE A 216 18.69 16.41 8.48
C ILE A 216 18.77 15.21 7.54
N PHE A 217 17.74 15.02 6.70
CA PHE A 217 17.65 13.86 5.80
C PHE A 217 18.13 14.21 4.39
N GLU A 218 18.99 13.34 3.84
CA GLU A 218 19.36 13.38 2.42
C GLU A 218 19.03 12.05 1.74
N VAL A 219 18.27 12.09 0.65
CA VAL A 219 18.03 10.88 -0.16
C VAL A 219 19.19 10.60 -1.13
N LYS A 220 19.92 9.54 -0.84
CA LYS A 220 21.16 9.20 -1.54
C LYS A 220 20.88 8.35 -2.74
N ALA A 221 19.86 7.50 -2.65
CA ALA A 221 19.57 6.57 -3.72
C ALA A 221 18.18 6.00 -3.57
N THR A 222 17.59 5.70 -4.73
CA THR A 222 16.31 5.01 -4.80
C THR A 222 16.35 4.02 -5.94
N ALA A 223 15.62 2.93 -5.74
CA ALA A 223 15.51 1.85 -6.72
C ALA A 223 14.19 1.12 -6.44
N GLY A 224 13.81 0.17 -7.30
CA GLY A 224 12.62 -0.62 -7.08
C GLY A 224 11.77 -0.85 -8.34
N ASP A 225 10.49 -1.13 -8.15
CA ASP A 225 9.59 -1.55 -9.23
C ASP A 225 8.19 -1.16 -8.84
N THR A 226 7.55 -0.31 -9.64
CA THR A 226 6.19 0.18 -9.35
C THR A 226 5.11 -0.85 -9.68
N HIS A 227 5.51 -2.01 -10.21
CA HIS A 227 4.56 -3.13 -10.46
C HIS A 227 5.06 -4.44 -9.88
N LEU A 228 5.44 -4.38 -8.61
CA LEU A 228 5.84 -5.54 -7.81
C LEU A 228 5.35 -5.30 -6.39
N GLY A 229 4.47 -6.18 -5.91
CA GLY A 229 3.91 -6.04 -4.58
C GLY A 229 3.09 -7.28 -4.21
N GLY A 230 2.40 -7.22 -3.07
CA GLY A 230 1.60 -8.33 -2.60
C GLY A 230 0.57 -8.85 -3.63
N GLU A 231 0.02 -7.97 -4.45
CA GLU A 231 -1.04 -8.40 -5.38
C GLU A 231 -0.45 -9.37 -6.40
N ASP A 232 0.85 -9.27 -6.62
CA ASP A 232 1.48 -10.19 -7.56
C ASP A 232 1.62 -11.58 -6.96
N PHE A 233 1.83 -11.65 -5.64
CA PHE A 233 1.84 -12.92 -4.95
C PHE A 233 0.42 -13.50 -4.91
N ASP A 234 -0.58 -12.66 -4.67
CA ASP A 234 -1.98 -13.08 -4.84
C ASP A 234 -2.22 -13.79 -6.17
N ASN A 235 -1.74 -13.19 -7.25
N ASN A 235 -1.75 -13.16 -7.26
CA ASN A 235 -2.03 -13.72 -8.57
CA ASN A 235 -1.97 -13.68 -8.61
C ASN A 235 -1.38 -15.10 -8.80
C ASN A 235 -1.40 -15.10 -8.77
N ARG A 236 -0.21 -15.32 -8.20
CA ARG A 236 0.43 -16.63 -8.28
C ARG A 236 -0.46 -17.70 -7.60
N LEU A 237 -1.06 -17.34 -6.47
CA LEU A 237 -1.91 -18.28 -5.74
C LEU A 237 -3.18 -18.52 -6.53
N VAL A 238 -3.72 -17.48 -7.13
CA VAL A 238 -4.97 -17.64 -7.88
C VAL A 238 -4.73 -18.63 -9.05
N ASN A 239 -3.62 -18.45 -9.76
CA ASN A 239 -3.39 -19.27 -10.95
C ASN A 239 -3.19 -20.72 -10.54
N HIS A 240 -2.50 -20.90 -9.42
CA HIS A 240 -2.27 -22.21 -8.82
C HIS A 240 -3.58 -22.92 -8.52
N PHE A 241 -4.52 -22.19 -7.92
CA PHE A 241 -5.78 -22.83 -7.53
C PHE A 241 -6.75 -23.00 -8.68
N VAL A 242 -6.64 -22.17 -9.69
CA VAL A 242 -7.44 -22.35 -10.90
C VAL A 242 -7.04 -23.65 -11.58
N GLU A 243 -5.75 -23.93 -11.55
CA GLU A 243 -5.28 -25.21 -12.10
C GLU A 243 -5.69 -26.39 -11.22
N GLU A 244 -5.71 -26.18 -9.91
CA GLU A 244 -6.15 -27.24 -9.01
C GLU A 244 -7.63 -27.55 -9.23
N PHE A 245 -8.45 -26.54 -9.48
CA PHE A 245 -9.88 -26.77 -9.67
C PHE A 245 -10.14 -27.55 -10.97
N LYS A 246 -9.40 -27.20 -12.01
CA LYS A 246 -9.48 -27.86 -13.32
C LYS A 246 -9.20 -29.34 -13.19
N ARG A 247 -8.12 -29.64 -12.49
CA ARG A 247 -7.68 -31.01 -12.31
C ARG A 247 -8.77 -31.80 -11.62
N LYS A 248 -9.26 -31.24 -10.53
CA LYS A 248 -10.16 -31.95 -9.62
C LYS A 248 -11.60 -32.06 -10.15
N HIS A 249 -12.07 -31.04 -10.83
CA HIS A 249 -13.47 -30.97 -11.28
C HIS A 249 -13.62 -30.94 -12.80
N LYS A 250 -12.50 -30.89 -13.52
CA LYS A 250 -12.53 -30.88 -14.99
C LYS A 250 -13.23 -29.65 -15.54
N LYS A 251 -13.19 -28.57 -14.78
CA LYS A 251 -13.83 -27.32 -15.19
C LYS A 251 -12.88 -26.13 -15.06
N ASP A 252 -12.94 -25.23 -16.04
CA ASP A 252 -12.13 -24.04 -16.06
C ASP A 252 -12.94 -22.87 -15.54
N ILE A 253 -12.47 -22.22 -14.47
CA ILE A 253 -13.23 -21.12 -13.88
C ILE A 253 -12.68 -19.75 -14.31
N SER A 254 -11.60 -19.75 -15.07
CA SER A 254 -10.83 -18.52 -15.30
C SER A 254 -11.60 -17.37 -15.98
N GLN A 255 -12.68 -17.68 -16.68
CA GLN A 255 -13.42 -16.66 -17.45
C GLN A 255 -14.65 -16.17 -16.69
N ASN A 256 -14.88 -16.75 -15.51
CA ASN A 256 -15.97 -16.35 -14.64
C ASN A 256 -15.42 -15.32 -13.66
N LYS A 257 -15.67 -14.04 -13.94
CA LYS A 257 -15.07 -12.95 -13.18
C LYS A 257 -15.40 -13.03 -11.69
N ARG A 258 -16.63 -13.44 -11.38
CA ARG A 258 -17.04 -13.57 -9.97
C ARG A 258 -16.28 -14.68 -9.22
N ALA A 259 -16.16 -15.87 -9.83
CA ALA A 259 -15.44 -16.97 -9.21
C ALA A 259 -13.98 -16.52 -8.95
N VAL A 260 -13.39 -15.80 -9.90
CA VAL A 260 -11.98 -15.41 -9.74
C VAL A 260 -11.77 -14.34 -8.65
N ARG A 261 -12.70 -13.40 -8.52
CA ARG A 261 -12.63 -12.42 -7.44
C ARG A 261 -12.78 -13.11 -6.09
N ARG A 262 -13.73 -14.04 -5.98
CA ARG A 262 -13.96 -14.75 -4.72
C ARG A 262 -12.76 -15.64 -4.35
N LEU A 263 -12.16 -16.28 -5.36
CA LEU A 263 -10.92 -17.03 -5.14
C LEU A 263 -9.76 -16.12 -4.71
N ARG A 264 -9.62 -14.98 -5.39
CA ARG A 264 -8.56 -14.00 -5.07
C ARG A 264 -8.66 -13.43 -3.63
N THR A 265 -9.87 -13.08 -3.20
CA THR A 265 -10.07 -12.66 -1.82
C THR A 265 -9.60 -13.71 -0.82
N ALA A 266 -9.99 -14.96 -1.07
CA ALA A 266 -9.57 -16.06 -0.22
C ALA A 266 -8.04 -16.28 -0.28
N CYS A 267 -7.43 -16.09 -1.45
CA CYS A 267 -5.98 -16.21 -1.55
C CYS A 267 -5.26 -15.15 -0.68
N GLN A 268 -5.78 -13.91 -0.68
CA GLN A 268 -5.19 -12.83 0.14
C GLN A 268 -5.25 -13.17 1.63
N ARG A 269 -6.37 -13.74 2.06
CA ARG A 269 -6.55 -14.15 3.45
C ARG A 269 -5.60 -15.31 3.83
N ALA A 270 -5.46 -16.28 2.94
CA ALA A 270 -4.57 -17.41 3.19
C ALA A 270 -3.12 -16.95 3.27
N LYS A 271 -2.74 -16.05 2.35
CA LYS A 271 -1.38 -15.54 2.29
C LYS A 271 -0.97 -14.91 3.62
N LYS A 272 -1.82 -14.04 4.16
CA LYS A 272 -1.54 -13.40 5.43
C LYS A 272 -1.36 -14.46 6.52
N THR A 273 -2.22 -15.46 6.50
CA THR A 273 -2.15 -16.53 7.50
C THR A 273 -0.80 -17.26 7.40
N LEU A 274 -0.31 -17.46 6.18
CA LEU A 274 0.98 -18.13 5.99
C LEU A 274 2.17 -17.33 6.53
N SER A 275 1.99 -16.07 6.91
CA SER A 275 3.11 -15.33 7.50
C SER A 275 3.33 -15.71 8.95
N SER A 276 2.33 -16.31 9.60
CA SER A 276 2.45 -16.70 11.02
C SER A 276 2.12 -18.19 11.28
N SER A 277 1.65 -18.91 10.26
CA SER A 277 1.39 -20.36 10.39
C SER A 277 2.01 -21.07 9.19
N THR A 278 2.27 -22.37 9.29
CA THR A 278 3.00 -23.06 8.22
C THR A 278 2.04 -23.65 7.19
N GLN A 279 0.74 -23.50 7.43
CA GLN A 279 -0.23 -23.88 6.43
C GLN A 279 -1.51 -23.09 6.65
N ALA A 280 -2.34 -23.03 5.61
CA ALA A 280 -3.62 -22.33 5.66
C ALA A 280 -4.66 -23.18 4.93
N SER A 281 -5.87 -23.22 5.49
CA SER A 281 -6.98 -23.87 4.80
C SER A 281 -7.75 -22.80 4.02
N LEU A 282 -8.18 -23.19 2.83
CA LEU A 282 -8.93 -22.33 1.94
C LEU A 282 -10.25 -23.03 1.59
N GLU A 283 -11.37 -22.42 1.97
CA GLU A 283 -12.67 -23.08 1.84
C GLU A 283 -13.72 -22.08 1.35
N ILE A 284 -14.21 -22.33 0.13
CA ILE A 284 -15.15 -21.43 -0.53
C ILE A 284 -16.41 -22.23 -0.89
N ASP A 285 -17.58 -21.77 -0.40
CA ASP A 285 -18.84 -22.44 -0.67
C ASP A 285 -19.33 -22.04 -2.07
N SER A 286 -19.78 -23.03 -2.85
CA SER A 286 -20.27 -22.79 -4.21
C SER A 286 -19.42 -21.76 -4.99
N LEU A 287 -18.19 -22.15 -5.34
CA LEU A 287 -17.27 -21.27 -6.07
C LEU A 287 -17.65 -21.18 -7.57
N PHE A 288 -18.08 -22.29 -8.12
CA PHE A 288 -18.40 -22.38 -9.56
C PHE A 288 -19.44 -23.45 -9.82
N GLU A 289 -20.55 -23.03 -10.40
CA GLU A 289 -21.66 -23.93 -10.74
C GLU A 289 -22.04 -24.81 -9.55
N GLY A 290 -22.07 -24.19 -8.35
CA GLY A 290 -22.48 -24.87 -7.13
C GLY A 290 -21.45 -25.80 -6.49
N ILE A 291 -20.23 -25.81 -7.01
CA ILE A 291 -19.20 -26.67 -6.48
C ILE A 291 -18.43 -25.95 -5.37
N ASP A 292 -18.34 -26.60 -4.21
CA ASP A 292 -17.53 -26.09 -3.11
C ASP A 292 -16.07 -26.34 -3.42
N PHE A 293 -15.21 -25.43 -2.99
CA PHE A 293 -13.77 -25.57 -3.15
C PHE A 293 -13.11 -25.48 -1.78
N TYR A 294 -12.80 -26.65 -1.21
CA TYR A 294 -12.19 -26.79 0.11
C TYR A 294 -10.84 -27.43 -0.06
N THR A 295 -9.77 -26.69 0.26
CA THR A 295 -8.42 -27.19 0.06
C THR A 295 -7.46 -26.50 1.05
N SER A 296 -6.17 -26.68 0.85
CA SER A 296 -5.18 -26.03 1.72
C SER A 296 -3.91 -25.71 0.95
N ILE A 297 -3.04 -24.89 1.56
CA ILE A 297 -1.78 -24.46 0.99
C ILE A 297 -0.74 -24.35 2.13
N THR A 298 0.46 -24.86 1.90
CA THR A 298 1.55 -24.75 2.86
C THR A 298 2.39 -23.50 2.61
N ARG A 299 3.08 -23.03 3.65
CA ARG A 299 4.04 -21.96 3.49
C ARG A 299 5.08 -22.31 2.41
N ALA A 300 5.60 -23.52 2.46
CA ALA A 300 6.69 -23.95 1.56
C ALA A 300 6.24 -23.90 0.09
N ARG A 301 5.01 -24.33 -0.17
CA ARG A 301 4.45 -24.29 -1.52
C ARG A 301 4.23 -22.84 -1.97
N PHE A 302 3.66 -22.01 -1.11
CA PHE A 302 3.52 -20.58 -1.42
C PHE A 302 4.88 -19.94 -1.77
N GLU A 303 5.90 -20.25 -0.98
CA GLU A 303 7.26 -19.80 -1.26
C GLU A 303 7.74 -20.24 -2.66
N GLU A 304 7.52 -21.50 -3.03
CA GLU A 304 7.93 -21.98 -4.36
C GLU A 304 7.22 -21.20 -5.46
N LEU A 305 5.92 -20.99 -5.30
CA LEU A 305 5.14 -20.32 -6.32
C LEU A 305 5.62 -18.91 -6.60
N CYS A 306 6.24 -18.29 -5.60
CA CYS A 306 6.64 -16.87 -5.67
C CYS A 306 8.16 -16.67 -5.69
N SER A 307 8.92 -17.77 -5.79
CA SER A 307 10.34 -17.72 -5.48
C SER A 307 11.11 -16.70 -6.31
N ASP A 308 10.78 -16.61 -7.60
CA ASP A 308 11.48 -15.69 -8.49
C ASP A 308 11.15 -14.26 -8.12
N LEU A 309 9.89 -14.01 -7.76
CA LEU A 309 9.47 -12.66 -7.39
C LEU A 309 10.14 -12.19 -6.08
N PHE A 310 10.15 -13.06 -5.07
CA PHE A 310 10.84 -12.75 -3.81
C PHE A 310 12.32 -12.44 -4.09
N ARG A 311 12.96 -13.31 -4.89
CA ARG A 311 14.40 -13.16 -5.12
C ARG A 311 14.72 -11.86 -5.88
N SER A 312 13.79 -11.45 -6.74
CA SER A 312 13.99 -10.28 -7.54
C SER A 312 14.06 -8.98 -6.74
N THR A 313 13.79 -9.02 -5.44
CA THR A 313 13.81 -7.79 -4.66
C THR A 313 15.23 -7.34 -4.32
N LEU A 314 16.20 -8.23 -4.49
CA LEU A 314 17.54 -7.95 -3.99
C LEU A 314 18.40 -7.17 -5.00
N GLU A 315 18.17 -7.34 -6.31
CA GLU A 315 19.04 -6.60 -7.23
C GLU A 315 18.84 -5.07 -7.11
N PRO A 316 17.62 -4.63 -6.85
CA PRO A 316 17.43 -3.19 -6.62
C PRO A 316 18.15 -2.71 -5.35
N VAL A 317 18.28 -3.55 -4.33
CA VAL A 317 19.12 -3.18 -3.18
C VAL A 317 20.59 -2.99 -3.64
N GLU A 318 21.11 -3.94 -4.43
CA GLU A 318 22.46 -3.82 -4.97
C GLU A 318 22.68 -2.52 -5.74
N LYS A 319 21.70 -2.20 -6.58
CA LYS A 319 21.75 -1.01 -7.41
C LYS A 319 21.75 0.26 -6.54
N ALA A 320 20.86 0.29 -5.55
CA ALA A 320 20.76 1.45 -4.68
C ALA A 320 22.09 1.66 -3.96
N LEU A 321 22.73 0.57 -3.54
CA LEU A 321 24.02 0.67 -2.85
C LEU A 321 25.12 1.23 -3.78
N ARG A 322 25.16 0.75 -5.02
CA ARG A 322 26.11 1.29 -6.00
C ARG A 322 25.91 2.77 -6.23
N ASP A 323 24.67 3.17 -6.49
CA ASP A 323 24.33 4.58 -6.67
C ASP A 323 24.72 5.44 -5.47
N ALA A 324 24.49 4.94 -4.26
CA ALA A 324 24.89 5.66 -3.04
C ALA A 324 26.41 5.59 -2.77
N LYS A 325 27.14 4.80 -3.57
CA LYS A 325 28.56 4.56 -3.35
C LYS A 325 28.82 4.02 -1.95
N LEU A 326 28.02 3.02 -1.57
CA LEU A 326 28.13 2.40 -0.25
C LEU A 326 28.22 0.89 -0.34
N ASP A 327 28.97 0.32 0.60
CA ASP A 327 29.08 -1.10 0.81
C ASP A 327 27.97 -1.58 1.78
N LYS A 328 27.59 -2.86 1.70
CA LYS A 328 26.64 -3.45 2.65
C LYS A 328 26.95 -3.04 4.04
N ALA A 329 28.23 -3.18 4.40
CA ALA A 329 28.64 -3.00 5.77
C ALA A 329 28.50 -1.56 6.25
N GLN A 330 28.35 -0.62 5.33
CA GLN A 330 28.24 0.79 5.70
C GLN A 330 26.82 1.24 6.04
N ILE A 331 25.83 0.39 5.83
CA ILE A 331 24.45 0.70 6.26
C ILE A 331 24.31 0.50 7.78
N HIS A 332 23.90 1.53 8.50
CA HIS A 332 23.77 1.46 9.96
C HIS A 332 22.46 0.80 10.43
N ASP A 333 21.38 1.04 9.68
CA ASP A 333 20.05 0.55 10.05
C ASP A 333 19.28 0.09 8.81
N LEU A 334 18.60 -1.04 8.97
CA LEU A 334 17.73 -1.65 7.95
C LEU A 334 16.31 -1.65 8.48
N VAL A 335 15.38 -1.04 7.75
CA VAL A 335 14.02 -0.83 8.21
C VAL A 335 13.04 -1.55 7.26
N LEU A 336 12.19 -2.45 7.79
CA LEU A 336 11.13 -3.10 6.98
C LEU A 336 9.85 -2.28 6.97
N VAL A 337 9.36 -2.02 5.76
CA VAL A 337 8.12 -1.28 5.55
C VAL A 337 7.26 -2.02 4.52
N GLY A 338 5.95 -1.89 4.65
CA GLY A 338 5.03 -2.54 3.71
C GLY A 338 4.54 -3.89 4.22
N GLY A 339 3.29 -4.20 3.91
CA GLY A 339 2.66 -5.39 4.44
C GLY A 339 3.34 -6.67 4.02
N SER A 340 3.88 -6.68 2.81
CA SER A 340 4.48 -7.89 2.30
C SER A 340 5.81 -8.27 2.98
N THR A 341 6.40 -7.35 3.72
CA THR A 341 7.67 -7.69 4.41
C THR A 341 7.40 -8.48 5.69
N ARG A 342 6.13 -8.76 5.98
CA ARG A 342 5.79 -9.73 7.01
C ARG A 342 6.02 -11.17 6.59
N ILE A 343 6.21 -11.38 5.29
CA ILE A 343 6.44 -12.71 4.74
C ILE A 343 7.83 -13.19 5.24
N PRO A 344 7.87 -14.32 5.96
CA PRO A 344 9.16 -14.80 6.51
C PRO A 344 10.27 -14.98 5.47
N LYS A 345 9.90 -15.50 4.31
CA LYS A 345 10.90 -15.76 3.26
C LYS A 345 11.55 -14.44 2.78
N VAL A 346 10.76 -13.37 2.70
CA VAL A 346 11.30 -12.07 2.27
C VAL A 346 12.26 -11.53 3.30
N GLN A 347 11.92 -11.69 4.59
CA GLN A 347 12.82 -11.28 5.67
C GLN A 347 14.14 -12.04 5.60
N LYS A 348 14.06 -13.34 5.35
CA LYS A 348 15.25 -14.18 5.24
C LYS A 348 16.17 -13.73 4.11
N LEU A 349 15.59 -13.49 2.93
CA LEU A 349 16.38 -13.03 1.79
C LEU A 349 17.14 -11.74 2.08
N LEU A 350 16.48 -10.76 2.71
CA LEU A 350 17.12 -9.49 2.94
C LEU A 350 18.17 -9.63 4.05
N GLN A 351 17.83 -10.37 5.11
CA GLN A 351 18.78 -10.60 6.20
C GLN A 351 20.03 -11.33 5.72
N ASP A 352 19.84 -12.37 4.90
CA ASP A 352 20.95 -13.16 4.34
C ASP A 352 21.82 -12.26 3.47
N PHE A 353 21.20 -11.49 2.58
CA PHE A 353 21.90 -10.54 1.73
C PHE A 353 22.78 -9.57 2.55
N PHE A 354 22.30 -9.20 3.74
CA PHE A 354 23.07 -8.32 4.62
C PHE A 354 23.86 -9.12 5.66
N ASN A 355 24.15 -10.38 5.34
CA ASN A 355 25.09 -11.21 6.13
C ASN A 355 24.72 -11.29 7.64
N GLY A 356 23.42 -11.35 7.90
CA GLY A 356 22.90 -11.66 9.22
C GLY A 356 22.50 -10.47 10.08
N ARG A 357 22.57 -9.27 9.49
CA ARG A 357 22.19 -8.06 10.20
C ARG A 357 20.76 -8.11 10.72
N ASP A 358 20.54 -7.49 11.88
CA ASP A 358 19.21 -7.23 12.46
C ASP A 358 18.34 -6.49 11.48
N LEU A 359 17.04 -6.84 11.47
CA LEU A 359 16.02 -6.05 10.80
C LEU A 359 15.16 -5.30 11.81
N ASN A 360 14.90 -4.02 11.53
CA ASN A 360 13.95 -3.24 12.31
C ASN A 360 12.54 -3.56 11.85
N LYS A 361 11.81 -4.28 12.70
CA LYS A 361 10.49 -4.78 12.36
C LYS A 361 9.51 -4.84 13.53
N SER A 362 9.82 -4.12 14.60
CA SER A 362 9.00 -4.13 15.81
C SER A 362 7.70 -3.34 15.61
N ILE A 363 7.73 -2.38 14.69
CA ILE A 363 6.52 -1.66 14.29
C ILE A 363 5.90 -2.40 13.10
N ASN A 364 4.61 -2.77 13.16
CA ASN A 364 3.96 -3.43 12.01
C ASN A 364 4.37 -2.71 10.71
N PRO A 365 5.00 -3.44 9.76
CA PRO A 365 5.61 -2.69 8.66
C PRO A 365 4.64 -1.85 7.81
N ASP A 366 3.37 -2.28 7.74
CA ASP A 366 2.36 -1.54 7.01
C ASP A 366 1.79 -0.37 7.81
N GLU A 367 2.36 -0.11 8.98
CA GLU A 367 1.97 1.02 9.82
C GLU A 367 3.09 2.03 10.09
N ALA A 368 4.33 1.68 9.75
CA ALA A 368 5.51 2.49 10.09
C ALA A 368 5.43 3.91 9.48
N VAL A 369 4.94 4.00 8.24
CA VAL A 369 4.88 5.31 7.58
C VAL A 369 3.85 6.24 8.27
N ALA A 370 2.65 5.73 8.57
CA ALA A 370 1.67 6.51 9.32
C ALA A 370 2.14 6.86 10.74
N TYR A 371 2.81 5.91 11.39
CA TYR A 371 3.40 6.14 12.70
C TYR A 371 4.35 7.35 12.66
N GLY A 372 5.27 7.36 11.70
CA GLY A 372 6.20 8.47 11.56
C GLY A 372 5.54 9.79 11.19
N ALA A 373 4.56 9.70 10.33
CA ALA A 373 3.79 10.87 9.93
C ALA A 373 3.11 11.47 11.14
N ALA A 374 2.59 10.62 12.04
CA ALA A 374 1.91 11.09 13.27
C ALA A 374 2.88 11.79 14.22
N VAL A 375 4.06 11.18 14.39
CA VAL A 375 5.13 11.79 15.17
C VAL A 375 5.47 13.18 14.63
N GLN A 376 5.76 13.27 13.33
CA GLN A 376 6.13 14.55 12.70
C GLN A 376 4.99 15.58 12.77
N ALA A 377 3.73 15.15 12.69
CA ALA A 377 2.60 16.07 12.76
C ALA A 377 2.59 16.74 14.13
N ALA A 378 2.88 15.98 15.19
CA ALA A 378 2.91 16.56 16.54
C ALA A 378 4.07 17.55 16.73
N ILE A 379 5.25 17.22 16.18
CA ILE A 379 6.38 18.15 16.21
C ILE A 379 5.99 19.50 15.57
N LEU A 380 5.40 19.43 14.39
CA LEU A 380 5.06 20.63 13.66
C LEU A 380 3.99 21.45 14.39
N MET A 381 3.08 20.78 15.11
CA MET A 381 2.14 21.52 15.97
C MET A 381 2.92 22.06 17.19
#